data_4UCC
#
_entry.id   4UCC
#
_cell.length_a   34.820
_cell.length_b   71.960
_cell.length_c   178.170
_cell.angle_alpha   90.00
_cell.angle_beta   90.00
_cell.angle_gamma   90.00
#
_symmetry.space_group_name_H-M   'P 21 21 21'
#
loop_
_entity.id
_entity.type
_entity.pdbx_description
1 polymer NUCLEOPROTEIN
2 non-polymer '1-[(2,4-dichlorophenyl)methyl]pyrazole-3,5-dicarboxylic acid'
3 water water
#
_entity_poly.entity_id   1
_entity_poly.type   'polypeptide(L)'
_entity_poly.pdbx_seq_one_letter_code
;MGSDSIDTPNYDVQKHINKLCGMLLITEDANHKFTGLIGMLYAMSRLGREDTIKILRDAGYHVKANGVDVTTHRQDINGK
EMKFEVLTLASLTTEIQINIEIESRKSYKKMLKEMGEVAPEYRHDSPDCGMIILCIAALVITKLAAGDRSGLTAVIRRAN
NVLKNEMKRYKGLLPKDIANSFYEVFEKHPHFIDVFVHFGIAQSSTRGGSRVEGIFAGLFMNAYGLEHHHHHH
;
_entity_poly.pdbx_strand_id   A,B
#
loop_
_chem_comp.id
_chem_comp.type
_chem_comp.name
_chem_comp.formula
ZKW non-polymer '1-[(2,4-dichlorophenyl)methyl]pyrazole-3,5-dicarboxylic acid' 'C12 H8 Cl2 N2 O4'
#
# COMPACT_ATOMS: atom_id res chain seq x y z
N ASP A 4 -27.05 18.08 22.75
CA ASP A 4 -27.12 17.76 21.32
C ASP A 4 -26.32 18.82 20.49
N SER A 5 -25.02 19.03 20.87
CA SER A 5 -24.10 20.02 20.28
C SER A 5 -23.46 19.67 18.95
N ILE A 6 -23.05 20.73 18.20
CA ILE A 6 -22.26 20.71 16.97
C ILE A 6 -21.02 21.55 17.30
N ASP A 7 -19.83 20.93 17.15
CA ASP A 7 -18.57 21.63 17.36
C ASP A 7 -18.38 22.63 16.25
N THR A 8 -17.98 23.85 16.60
CA THR A 8 -17.79 24.87 15.56
C THR A 8 -16.38 25.42 15.72
N PRO A 9 -15.36 24.73 15.16
CA PRO A 9 -13.97 25.23 15.28
C PRO A 9 -13.76 26.55 14.55
N ASN A 10 -12.95 27.43 15.15
CA ASN A 10 -12.61 28.73 14.57
C ASN A 10 -11.24 28.67 13.85
N TYR A 11 -10.82 29.76 13.25
CA TYR A 11 -9.56 29.84 12.49
C TYR A 11 -8.34 29.45 13.32
N ASP A 12 -8.38 29.73 14.63
CA ASP A 12 -7.28 29.43 15.57
C ASP A 12 -6.88 27.95 15.68
N VAL A 13 -7.78 27.00 15.36
CA VAL A 13 -7.46 25.57 15.49
C VAL A 13 -7.29 24.87 14.13
N GLN A 14 -7.24 25.66 13.06
CA GLN A 14 -7.04 25.20 11.70
C GLN A 14 -5.73 24.40 11.53
N LYS A 15 -4.61 24.94 12.06
CA LYS A 15 -3.30 24.28 11.99
C LYS A 15 -3.32 22.95 12.73
N HIS A 16 -3.99 22.92 13.90
CA HIS A 16 -4.13 21.69 14.69
C HIS A 16 -4.92 20.63 13.94
N ILE A 17 -6.05 21.00 13.32
CA ILE A 17 -6.87 20.03 12.58
C ILE A 17 -6.13 19.53 11.33
N ASN A 18 -5.36 20.37 10.66
CA ASN A 18 -4.58 19.94 9.50
C ASN A 18 -3.55 18.85 9.90
N LYS A 19 -2.88 19.07 11.02
CA LYS A 19 -1.89 18.16 11.62
C LYS A 19 -2.56 16.81 12.00
N LEU A 20 -3.80 16.84 12.50
CA LEU A 20 -4.59 15.64 12.81
C LEU A 20 -4.88 14.88 11.51
N CYS A 21 -5.23 15.60 10.44
CA CYS A 21 -5.42 14.98 9.11
C CYS A 21 -4.09 14.32 8.68
N GLY A 22 -2.97 15.05 8.83
CA GLY A 22 -1.65 14.55 8.44
C GLY A 22 -1.18 13.34 9.23
N MET A 23 -1.54 13.29 10.51
CA MET A 23 -1.23 12.13 11.37
C MET A 23 -1.90 10.88 10.84
N LEU A 24 -3.15 10.99 10.39
CA LEU A 24 -3.88 9.86 9.78
C LEU A 24 -3.24 9.46 8.45
N LEU A 25 -2.88 10.46 7.62
CA LEU A 25 -2.26 10.26 6.28
C LEU A 25 -0.90 9.54 6.36
N ILE A 26 -0.13 9.70 7.45
CA ILE A 26 1.14 8.97 7.58
C ILE A 26 0.97 7.60 8.27
N THR A 27 -0.24 7.29 8.78
CA THR A 27 -0.42 6.02 9.48
C THR A 27 -0.65 4.87 8.50
N GLU A 28 0.23 3.84 8.57
CA GLU A 28 0.10 2.63 7.75
C GLU A 28 -1.15 1.91 8.22
N ASP A 29 -2.04 1.52 7.29
CA ASP A 29 -3.29 0.82 7.63
C ASP A 29 -4.09 1.59 8.72
N ALA A 30 -4.16 2.92 8.54
CA ALA A 30 -4.86 3.84 9.44
C ALA A 30 -6.34 3.49 9.57
N ASN A 31 -6.91 3.73 10.75
CA ASN A 31 -8.35 3.52 11.00
C ASN A 31 -9.01 4.84 10.62
N HIS A 32 -9.76 4.82 9.52
CA HIS A 32 -10.40 6.02 8.99
C HIS A 32 -11.85 6.23 9.44
N LYS A 33 -12.26 5.55 10.52
CA LYS A 33 -13.58 5.67 11.14
C LYS A 33 -13.97 7.14 11.44
N PHE A 34 -13.02 7.97 11.81
CA PHE A 34 -13.28 9.37 12.19
C PHE A 34 -12.86 10.44 11.16
N THR A 35 -12.35 10.01 9.99
CA THR A 35 -11.77 10.89 8.98
C THR A 35 -12.83 11.81 8.33
N GLY A 36 -14.03 11.31 8.10
CA GLY A 36 -15.12 12.09 7.57
C GLY A 36 -15.43 13.27 8.48
N LEU A 37 -15.52 13.02 9.80
CA LEU A 37 -15.77 14.05 10.84
C LEU A 37 -14.60 15.04 10.89
N ILE A 38 -13.36 14.53 10.99
CA ILE A 38 -12.15 15.34 11.06
C ILE A 38 -12.01 16.23 9.82
N GLY A 39 -12.27 15.69 8.62
CA GLY A 39 -12.23 16.46 7.39
C GLY A 39 -13.24 17.59 7.45
N MET A 40 -14.45 17.26 7.93
CA MET A 40 -15.55 18.24 8.10
C MET A 40 -15.22 19.32 9.14
N LEU A 41 -14.48 18.97 10.21
CA LEU A 41 -13.96 19.91 11.23
C LEU A 41 -12.94 20.85 10.59
N TYR A 42 -12.05 20.32 9.74
CA TYR A 42 -11.10 21.14 8.98
C TYR A 42 -11.83 22.16 8.10
N ALA A 43 -12.86 21.73 7.35
CA ALA A 43 -13.64 22.63 6.49
C ALA A 43 -14.28 23.74 7.30
N MET A 44 -14.87 23.42 8.48
CA MET A 44 -15.48 24.39 9.41
C MET A 44 -14.43 25.39 9.96
N SER A 45 -13.18 24.91 10.28
CA SER A 45 -12.10 25.80 10.77
C SER A 45 -11.63 26.74 9.66
N ARG A 46 -11.79 26.34 8.40
CA ARG A 46 -11.44 27.16 7.23
C ARG A 46 -12.54 28.20 6.98
N LEU A 47 -13.81 27.82 7.24
CA LEU A 47 -14.95 28.75 7.11
C LEU A 47 -14.95 29.73 8.27
N GLY A 48 -14.58 29.23 9.45
CA GLY A 48 -14.58 29.96 10.70
C GLY A 48 -15.89 29.71 11.42
N ARG A 49 -15.85 29.88 12.74
CA ARG A 49 -17.01 29.70 13.60
C ARG A 49 -18.24 30.54 13.17
N GLU A 50 -18.05 31.85 12.95
CA GLU A 50 -19.14 32.77 12.58
C GLU A 50 -19.89 32.35 11.32
N ASP A 51 -19.15 32.07 10.23
CA ASP A 51 -19.73 31.65 8.96
C ASP A 51 -20.38 30.28 9.08
N THR A 52 -19.81 29.38 9.89
CA THR A 52 -20.37 28.04 10.09
C THR A 52 -21.71 28.11 10.76
N ILE A 53 -21.83 28.89 11.86
CA ILE A 53 -23.10 29.07 12.60
C ILE A 53 -24.16 29.73 11.69
N LYS A 54 -23.75 30.69 10.85
CA LYS A 54 -24.60 31.39 9.87
C LYS A 54 -25.19 30.38 8.86
N ILE A 55 -24.33 29.49 8.29
CA ILE A 55 -24.72 28.46 7.32
C ILE A 55 -25.78 27.54 7.92
N LEU A 56 -25.53 27.01 9.13
CA LEU A 56 -26.44 26.09 9.79
C LEU A 56 -27.77 26.75 10.15
N ARG A 57 -27.73 27.94 10.76
CA ARG A 57 -28.95 28.66 11.11
C ARG A 57 -29.78 29.00 9.90
N ASP A 58 -29.14 29.45 8.80
CA ASP A 58 -29.80 29.79 7.53
C ASP A 58 -30.39 28.57 6.85
N ALA A 59 -29.80 27.38 7.10
CA ALA A 59 -30.27 26.13 6.50
C ALA A 59 -31.41 25.49 7.27
N GLY A 60 -31.79 26.11 8.37
CA GLY A 60 -32.88 25.64 9.21
C GLY A 60 -32.45 24.77 10.37
N TYR A 61 -31.15 24.44 10.47
CA TYR A 61 -30.66 23.63 11.59
C TYR A 61 -30.52 24.54 12.82
N HIS A 62 -31.03 24.08 13.97
CA HIS A 62 -30.87 24.85 15.20
C HIS A 62 -29.66 24.31 15.92
N VAL A 63 -28.62 25.13 15.99
CA VAL A 63 -27.34 24.68 16.49
C VAL A 63 -26.97 25.22 17.87
N LYS A 64 -26.47 24.28 18.71
CA LYS A 64 -25.92 24.52 20.04
C LYS A 64 -24.41 24.47 19.79
N ALA A 65 -23.80 25.66 19.66
CA ALA A 65 -22.38 25.81 19.33
C ALA A 65 -21.44 25.48 20.48
N ASN A 66 -20.51 24.55 20.22
CA ASN A 66 -19.47 24.15 21.18
C ASN A 66 -18.14 24.76 20.73
N GLY A 67 -17.59 25.62 21.60
CA GLY A 67 -16.30 26.27 21.38
C GLY A 67 -15.19 25.25 21.35
N VAL A 68 -14.27 25.41 20.40
CA VAL A 68 -13.17 24.46 20.25
C VAL A 68 -11.84 25.10 20.63
N ASP A 69 -11.22 24.64 21.71
CA ASP A 69 -9.92 25.13 22.16
C ASP A 69 -8.91 23.98 22.24
N VAL A 70 -7.62 24.33 22.24
CA VAL A 70 -6.53 23.38 22.37
C VAL A 70 -6.17 23.27 23.84
N THR A 71 -6.16 22.04 24.38
CA THR A 71 -5.77 21.75 25.76
C THR A 71 -4.65 20.73 25.77
N THR A 72 -3.82 20.77 26.82
CA THR A 72 -2.73 19.83 27.03
C THR A 72 -3.26 18.76 27.95
N HIS A 73 -3.29 17.52 27.47
CA HIS A 73 -3.79 16.41 28.27
C HIS A 73 -2.64 15.49 28.62
N ARG A 74 -2.46 15.29 29.93
CA ARG A 74 -1.42 14.44 30.48
C ARG A 74 -2.02 13.06 30.66
N GLN A 75 -1.39 12.03 30.05
CA GLN A 75 -1.82 10.64 30.20
C GLN A 75 -0.63 9.66 30.07
N ASP A 76 -0.71 8.57 30.86
CA ASP A 76 0.29 7.50 31.02
C ASP A 76 0.26 6.48 29.88
N ILE A 77 1.39 6.34 29.15
CA ILE A 77 1.55 5.35 28.08
C ILE A 77 2.85 4.58 28.33
N ASN A 78 2.72 3.26 28.64
CA ASN A 78 3.80 2.29 28.93
C ASN A 78 4.59 2.68 30.19
N GLY A 79 3.87 3.14 31.22
CA GLY A 79 4.43 3.49 32.52
C GLY A 79 4.86 4.94 32.69
N LYS A 80 5.19 5.63 31.57
CA LYS A 80 5.66 7.03 31.56
C LYS A 80 4.57 8.02 31.16
N GLU A 81 4.46 9.13 31.93
CA GLU A 81 3.49 10.21 31.67
C GLU A 81 3.91 10.99 30.42
N MET A 82 2.96 11.22 29.51
CA MET A 82 3.18 11.94 28.27
C MET A 82 2.20 13.09 28.10
N LYS A 83 2.66 14.18 27.47
CA LYS A 83 1.87 15.39 27.20
C LYS A 83 1.35 15.40 25.77
N PHE A 84 0.04 15.59 25.61
CA PHE A 84 -0.61 15.60 24.29
C PHE A 84 -1.44 16.85 24.10
N GLU A 85 -1.34 17.46 22.92
CA GLU A 85 -2.19 18.59 22.60
C GLU A 85 -3.43 18.04 21.91
N VAL A 86 -4.59 18.32 22.50
CA VAL A 86 -5.90 17.83 22.02
C VAL A 86 -6.91 18.97 21.87
N LEU A 87 -7.99 18.73 21.10
CA LEU A 87 -9.05 19.72 20.95
C LEU A 87 -10.24 19.37 21.83
N THR A 88 -10.91 20.39 22.39
CA THR A 88 -12.12 20.19 23.19
C THR A 88 -13.28 20.00 22.18
N LEU A 89 -13.59 18.74 21.87
CA LEU A 89 -14.58 18.39 20.86
C LEU A 89 -15.62 17.44 21.46
N ALA A 90 -16.91 17.75 21.33
CA ALA A 90 -17.95 16.88 21.84
C ALA A 90 -18.16 15.65 20.91
N SER A 91 -17.80 15.80 19.65
CA SER A 91 -17.92 14.77 18.63
C SER A 91 -16.71 13.80 18.55
N LEU A 92 -15.56 14.15 19.20
CA LEU A 92 -14.33 13.35 19.16
C LEU A 92 -13.62 13.35 20.51
N THR A 93 -13.66 12.23 21.25
CA THR A 93 -13.06 12.10 22.59
C THR A 93 -11.54 12.37 22.62
N THR A 94 -11.01 12.74 23.80
CA THR A 94 -9.58 12.96 24.06
C THR A 94 -8.81 11.66 23.73
N GLU A 95 -9.37 10.49 24.19
CA GLU A 95 -8.85 9.13 23.97
C GLU A 95 -8.61 8.85 22.49
N ILE A 96 -9.62 9.08 21.62
CA ILE A 96 -9.51 8.85 20.17
C ILE A 96 -8.38 9.70 19.55
N GLN A 97 -8.34 10.98 19.91
CA GLN A 97 -7.34 11.93 19.41
C GLN A 97 -5.95 11.50 19.80
N ILE A 98 -5.76 11.11 21.07
CA ILE A 98 -4.46 10.67 21.58
C ILE A 98 -3.99 9.38 20.88
N ASN A 99 -4.91 8.45 20.65
CA ASN A 99 -4.62 7.19 19.97
C ASN A 99 -4.26 7.43 18.51
N ILE A 100 -4.85 8.45 17.87
CA ILE A 100 -4.45 8.81 16.51
C ILE A 100 -2.95 9.29 16.54
N GLU A 101 -2.59 10.15 17.54
CA GLU A 101 -1.19 10.62 17.65
C GLU A 101 -0.23 9.46 17.93
N ILE A 102 -0.59 8.53 18.84
CA ILE A 102 0.22 7.34 19.18
C ILE A 102 0.51 6.50 17.92
N GLU A 103 -0.54 6.05 17.21
CA GLU A 103 -0.42 5.25 15.99
C GLU A 103 0.42 5.95 14.90
N SER A 104 0.24 7.28 14.76
CA SER A 104 1.01 8.08 13.80
CA SER A 104 0.99 8.08 13.81
C SER A 104 2.49 8.14 14.15
N ARG A 105 2.82 8.29 15.44
CA ARG A 105 4.20 8.34 15.92
C ARG A 105 4.90 6.98 15.70
N LYS A 106 4.15 5.86 15.77
CA LYS A 106 4.68 4.50 15.48
C LYS A 106 5.03 4.42 13.97
N SER A 107 4.18 4.93 13.08
CA SER A 107 4.43 4.93 11.63
C SER A 107 5.62 5.86 11.30
N TYR A 108 5.73 7.00 12.03
CA TYR A 108 6.81 7.95 11.80
C TYR A 108 8.16 7.35 12.17
N LYS A 109 8.26 6.60 13.28
CA LYS A 109 9.51 5.98 13.68
C LYS A 109 9.96 4.93 12.65
N LYS A 110 9.01 4.21 12.08
CA LYS A 110 9.24 3.18 11.06
C LYS A 110 9.78 3.84 9.77
N MET A 111 9.28 5.07 9.47
CA MET A 111 9.72 5.89 8.33
C MET A 111 11.16 6.33 8.55
N LEU A 112 11.50 6.81 9.78
CA LEU A 112 12.87 7.23 10.10
C LEU A 112 13.80 6.07 9.86
N LYS A 113 13.42 4.88 10.37
CA LYS A 113 14.21 3.67 10.22
C LYS A 113 14.36 3.27 8.74
N GLU A 114 13.39 3.65 7.89
CA GLU A 114 13.44 3.30 6.47
C GLU A 114 14.25 4.28 5.62
N MET A 115 14.09 5.60 5.82
CA MET A 115 14.73 6.61 4.95
C MET A 115 15.52 7.74 5.65
N GLY A 116 15.72 7.65 6.96
CA GLY A 116 16.36 8.74 7.71
C GLY A 116 15.31 9.82 7.94
N GLU A 117 15.76 11.08 8.21
CA GLU A 117 14.79 12.18 8.39
C GLU A 117 13.88 12.36 7.19
N VAL A 118 12.62 12.63 7.46
CA VAL A 118 11.53 12.75 6.52
C VAL A 118 11.42 14.14 5.86
N ALA A 119 11.28 14.19 4.50
CA ALA A 119 11.14 15.44 3.73
C ALA A 119 9.82 16.14 4.13
N PRO A 120 9.72 17.50 4.03
CA PRO A 120 8.50 18.20 4.46
C PRO A 120 7.20 17.65 3.92
N GLU A 121 7.16 17.30 2.63
CA GLU A 121 5.95 16.80 1.94
C GLU A 121 5.54 15.38 2.36
N TYR A 122 6.38 14.69 3.16
CA TYR A 122 6.09 13.34 3.64
C TYR A 122 5.67 13.33 5.14
N ARG A 123 5.70 14.50 5.76
CA ARG A 123 5.39 14.64 7.20
C ARG A 123 3.90 14.85 7.43
N HIS A 124 3.46 14.61 8.68
CA HIS A 124 2.09 14.80 9.17
C HIS A 124 1.71 16.31 9.23
N ASP A 125 2.69 17.22 9.25
CA ASP A 125 2.41 18.64 9.36
C ASP A 125 2.57 19.42 8.03
N SER A 126 2.58 18.69 6.89
CA SER A 126 2.63 19.33 5.55
C SER A 126 1.34 20.17 5.44
N PRO A 127 1.46 21.43 5.00
CA PRO A 127 0.28 22.35 5.01
C PRO A 127 -0.93 21.90 4.20
N ASP A 128 -0.75 20.95 3.27
CA ASP A 128 -1.86 20.51 2.42
C ASP A 128 -2.62 19.23 2.89
N CYS A 129 -2.35 18.66 4.12
CA CYS A 129 -2.99 17.40 4.54
C CYS A 129 -4.54 17.48 4.65
N GLY A 130 -5.06 18.54 5.25
CA GLY A 130 -6.49 18.74 5.36
C GLY A 130 -7.15 18.76 3.99
N MET A 131 -6.54 19.46 3.02
CA MET A 131 -7.06 19.54 1.66
C MET A 131 -7.01 18.20 0.91
N ILE A 132 -6.03 17.35 1.21
CA ILE A 132 -5.93 16.03 0.60
C ILE A 132 -7.16 15.21 1.04
N ILE A 133 -7.55 15.35 2.31
CA ILE A 133 -8.72 14.66 2.87
C ILE A 133 -9.97 15.21 2.19
N LEU A 134 -10.06 16.54 2.06
CA LEU A 134 -11.24 17.16 1.46
C LEU A 134 -11.40 16.81 -0.05
N CYS A 135 -10.31 16.35 -0.72
CA CYS A 135 -10.37 15.89 -2.12
C CYS A 135 -11.23 14.64 -2.23
N ILE A 136 -11.13 13.74 -1.23
CA ILE A 136 -11.98 12.56 -1.20
C ILE A 136 -13.43 12.99 -1.00
N ALA A 137 -13.69 13.93 -0.05
CA ALA A 137 -15.04 14.48 0.22
C ALA A 137 -15.66 15.03 -1.08
N ALA A 138 -14.85 15.75 -1.89
CA ALA A 138 -15.29 16.28 -3.18
C ALA A 138 -15.70 15.16 -4.15
N LEU A 139 -15.07 13.99 -4.09
CA LEU A 139 -15.41 12.86 -4.98
C LEU A 139 -16.72 12.21 -4.55
N VAL A 140 -16.92 12.04 -3.22
CA VAL A 140 -18.12 11.46 -2.61
C VAL A 140 -19.35 12.34 -2.91
N ILE A 141 -19.19 13.69 -2.80
CA ILE A 141 -20.24 14.68 -3.04
C ILE A 141 -20.78 14.57 -4.47
N THR A 142 -19.88 14.30 -5.43
CA THR A 142 -20.21 14.09 -6.84
C THR A 142 -21.15 12.87 -6.98
N LYS A 143 -20.81 11.75 -6.33
CA LYS A 143 -21.59 10.51 -6.35
C LYS A 143 -22.92 10.65 -5.63
N LEU A 144 -23.00 11.53 -4.60
CA LEU A 144 -24.23 11.87 -3.84
C LEU A 144 -25.13 12.64 -4.86
N ALA A 145 -24.53 13.63 -5.59
CA ALA A 145 -25.19 14.48 -6.60
C ALA A 145 -25.78 13.68 -7.76
N ALA A 146 -24.97 12.80 -8.38
CA ALA A 146 -25.32 11.97 -9.55
C ALA A 146 -26.47 10.97 -9.32
N GLY A 147 -26.99 10.90 -8.10
CA GLY A 147 -28.10 10.03 -7.71
C GLY A 147 -27.69 8.64 -7.25
N ASP A 148 -26.45 8.24 -7.57
CA ASP A 148 -25.83 6.96 -7.25
C ASP A 148 -25.79 6.69 -5.74
N ARG A 149 -25.67 5.41 -5.36
CA ARG A 149 -25.58 4.95 -3.97
C ARG A 149 -24.40 3.96 -3.84
N SER A 150 -24.26 3.07 -4.86
CA SER A 150 -23.20 2.08 -4.97
C SER A 150 -22.00 2.64 -5.78
N GLY A 151 -21.78 3.96 -5.67
CA GLY A 151 -20.73 4.71 -6.35
C GLY A 151 -19.34 4.55 -5.78
N LEU A 152 -19.19 3.74 -4.70
CA LEU A 152 -17.94 3.46 -4.00
C LEU A 152 -16.82 2.99 -4.95
N THR A 153 -17.10 2.00 -5.84
CA THR A 153 -16.13 1.44 -6.80
C THR A 153 -15.47 2.49 -7.68
N ALA A 154 -16.27 3.45 -8.15
CA ALA A 154 -15.82 4.56 -8.99
C ALA A 154 -15.06 5.61 -8.14
N VAL A 155 -15.38 5.76 -6.85
CA VAL A 155 -14.65 6.74 -6.01
C VAL A 155 -13.18 6.30 -5.91
N ILE A 156 -12.93 5.02 -5.52
CA ILE A 156 -11.60 4.42 -5.39
C ILE A 156 -10.81 4.59 -6.70
N ARG A 157 -11.43 4.20 -7.82
CA ARG A 157 -10.87 4.24 -9.17
C ARG A 157 -10.52 5.65 -9.66
N ARG A 158 -11.45 6.61 -9.47
CA ARG A 158 -11.18 7.99 -9.83
C ARG A 158 -10.06 8.54 -8.91
N ALA A 159 -10.10 8.23 -7.57
CA ALA A 159 -9.09 8.66 -6.58
C ALA A 159 -7.65 8.17 -6.83
N ASN A 160 -7.49 6.88 -7.23
CA ASN A 160 -6.19 6.28 -7.54
C ASN A 160 -5.51 7.01 -8.70
N ASN A 161 -6.30 7.58 -9.64
CA ASN A 161 -5.79 8.37 -10.76
C ASN A 161 -5.48 9.83 -10.36
N VAL A 162 -6.49 10.59 -9.94
CA VAL A 162 -6.37 12.00 -9.55
C VAL A 162 -5.40 12.24 -8.35
N LEU A 163 -5.36 11.31 -7.36
CA LEU A 163 -4.51 11.52 -6.21
C LEU A 163 -3.29 10.57 -6.12
N LYS A 164 -2.70 10.21 -7.28
CA LYS A 164 -1.55 9.30 -7.33
C LYS A 164 -0.28 9.89 -6.72
N ASN A 165 -0.04 11.23 -6.84
CA ASN A 165 1.13 11.84 -6.23
CA ASN A 165 1.13 11.86 -6.24
C ASN A 165 1.01 11.86 -4.71
N GLU A 166 -0.17 12.17 -4.20
CA GLU A 166 -0.45 12.25 -2.76
C GLU A 166 -0.43 10.85 -2.12
N MET A 167 -0.94 9.82 -2.84
CA MET A 167 -0.91 8.43 -2.36
C MET A 167 0.56 7.93 -2.25
N LYS A 168 1.45 8.43 -3.13
CA LYS A 168 2.90 8.13 -3.11
C LYS A 168 3.54 8.79 -1.87
N ARG A 169 3.05 9.99 -1.50
CA ARG A 169 3.52 10.71 -0.33
C ARG A 169 3.00 10.12 0.97
N TYR A 170 1.76 9.57 0.98
CA TYR A 170 1.08 9.12 2.21
C TYR A 170 0.51 7.70 2.20
N LYS A 171 1.07 6.83 3.05
CA LYS A 171 0.65 5.43 3.21
C LYS A 171 -0.82 5.29 3.71
N GLY A 172 -1.28 6.25 4.52
CA GLY A 172 -2.64 6.31 5.07
C GLY A 172 -3.69 6.90 4.14
N LEU A 173 -3.30 7.36 2.95
CA LEU A 173 -4.28 7.86 1.98
C LEU A 173 -4.88 6.60 1.34
N LEU A 174 -5.99 6.11 1.93
CA LEU A 174 -6.71 4.89 1.50
C LEU A 174 -8.10 5.33 1.02
N PRO A 175 -8.26 5.54 -0.31
CA PRO A 175 -9.53 6.08 -0.83
C PRO A 175 -10.81 5.34 -0.41
N LYS A 176 -10.79 3.99 -0.40
CA LYS A 176 -11.94 3.17 0.00
C LYS A 176 -12.43 3.52 1.42
N ASP A 177 -11.52 3.50 2.40
CA ASP A 177 -11.81 3.80 3.80
C ASP A 177 -12.23 5.23 4.00
N ILE A 178 -11.54 6.18 3.34
CA ILE A 178 -11.86 7.61 3.48
C ILE A 178 -13.22 7.92 2.85
N ALA A 179 -13.51 7.39 1.63
CA ALA A 179 -14.81 7.58 0.96
C ALA A 179 -15.92 7.03 1.80
N ASN A 180 -15.72 5.84 2.40
CA ASN A 180 -16.71 5.22 3.29
C ASN A 180 -16.98 6.15 4.48
N SER A 181 -15.91 6.72 5.09
CA SER A 181 -16.06 7.65 6.22
C SER A 181 -16.85 8.92 5.85
N PHE A 182 -16.63 9.50 4.64
CA PHE A 182 -17.41 10.67 4.23
C PHE A 182 -18.87 10.34 3.91
N TYR A 183 -19.11 9.17 3.26
CA TYR A 183 -20.47 8.69 2.93
C TYR A 183 -21.23 8.60 4.24
N GLU A 184 -20.60 7.95 5.23
CA GLU A 184 -21.15 7.75 6.55
C GLU A 184 -21.50 9.11 7.21
N VAL A 185 -20.55 10.09 7.25
CA VAL A 185 -20.84 11.38 7.88
C VAL A 185 -21.93 12.18 7.15
N PHE A 186 -21.97 12.17 5.79
CA PHE A 186 -22.99 12.93 5.05
C PHE A 186 -24.38 12.34 5.23
N GLU A 187 -24.51 11.01 5.37
CA GLU A 187 -25.82 10.39 5.59
C GLU A 187 -26.24 10.53 7.05
N LYS A 188 -25.30 10.38 8.01
CA LYS A 188 -25.58 10.50 9.44
C LYS A 188 -25.80 11.97 9.86
N HIS A 189 -25.01 12.92 9.31
CA HIS A 189 -25.11 14.35 9.61
C HIS A 189 -25.29 15.19 8.35
N PRO A 190 -26.50 15.17 7.73
CA PRO A 190 -26.72 15.93 6.47
C PRO A 190 -26.39 17.41 6.52
N HIS A 191 -26.33 18.04 7.71
CA HIS A 191 -25.94 19.43 7.83
C HIS A 191 -24.50 19.65 7.35
N PHE A 192 -23.65 18.57 7.33
CA PHE A 192 -22.28 18.65 6.82
C PHE A 192 -22.23 18.86 5.30
N ILE A 193 -23.26 18.42 4.58
CA ILE A 193 -23.36 18.62 3.14
C ILE A 193 -23.40 20.13 2.86
N ASP A 194 -24.26 20.89 3.57
CA ASP A 194 -24.37 22.34 3.44
C ASP A 194 -23.06 23.02 3.78
N VAL A 195 -22.39 22.60 4.88
CA VAL A 195 -21.10 23.14 5.28
C VAL A 195 -20.03 22.89 4.18
N PHE A 196 -19.95 21.66 3.65
CA PHE A 196 -19.00 21.33 2.61
C PHE A 196 -19.19 22.15 1.35
N VAL A 197 -20.44 22.28 0.92
CA VAL A 197 -20.76 23.01 -0.31
C VAL A 197 -20.38 24.48 -0.17
N HIS A 198 -20.66 25.12 0.99
CA HIS A 198 -20.29 26.52 1.24
C HIS A 198 -18.77 26.63 1.31
N PHE A 199 -18.10 25.65 1.96
CA PHE A 199 -16.63 25.64 1.99
C PHE A 199 -16.05 25.60 0.54
N GLY A 200 -16.52 24.68 -0.28
CA GLY A 200 -16.04 24.48 -1.66
C GLY A 200 -16.29 25.67 -2.54
N ILE A 201 -17.44 26.37 -2.37
CA ILE A 201 -17.73 27.57 -3.15
C ILE A 201 -16.71 28.65 -2.79
N ALA A 202 -16.47 28.87 -1.50
CA ALA A 202 -15.50 29.87 -1.02
C ALA A 202 -14.04 29.51 -1.39
N GLN A 203 -13.62 28.23 -1.24
CA GLN A 203 -12.26 27.77 -1.57
C GLN A 203 -11.94 27.97 -3.06
N SER A 204 -12.89 27.56 -3.91
CA SER A 204 -12.71 27.54 -5.37
C SER A 204 -12.69 28.94 -5.99
N SER A 205 -12.80 29.97 -5.14
CA SER A 205 -12.71 31.39 -5.50
C SER A 205 -11.24 31.78 -5.40
N THR A 206 -10.52 31.27 -4.38
CA THR A 206 -9.08 31.56 -4.15
C THR A 206 -8.26 31.00 -5.31
N ARG A 207 -7.68 31.92 -6.10
CA ARG A 207 -6.87 31.60 -7.28
C ARG A 207 -5.53 31.02 -6.86
N GLY A 208 -4.99 30.12 -7.71
CA GLY A 208 -3.72 29.42 -7.55
C GLY A 208 -3.44 28.87 -6.15
N GLY A 209 -2.19 29.04 -5.72
CA GLY A 209 -1.71 28.62 -4.42
C GLY A 209 -0.85 27.37 -4.44
N SER A 210 -1.44 26.25 -4.00
CA SER A 210 -0.88 24.90 -3.83
C SER A 210 -1.43 23.94 -4.92
N ARG A 211 -0.70 22.86 -5.26
CA ARG A 211 -1.15 21.84 -6.21
C ARG A 211 -2.49 21.17 -5.74
N VAL A 212 -2.57 20.76 -4.44
CA VAL A 212 -3.76 20.11 -3.88
CA VAL A 212 -3.78 20.12 -3.92
C VAL A 212 -4.95 21.08 -3.86
N GLU A 213 -4.72 22.40 -3.60
CA GLU A 213 -5.82 23.37 -3.60
C GLU A 213 -6.44 23.40 -4.99
N GLY A 214 -5.59 23.31 -6.02
CA GLY A 214 -6.01 23.29 -7.42
C GLY A 214 -6.74 22.02 -7.79
N ILE A 215 -6.26 20.85 -7.29
CA ILE A 215 -6.91 19.56 -7.51
C ILE A 215 -8.32 19.61 -6.89
N PHE A 216 -8.44 20.11 -5.64
CA PHE A 216 -9.72 20.22 -4.97
C PHE A 216 -10.70 21.11 -5.80
N ALA A 217 -10.27 22.35 -6.18
CA ALA A 217 -11.12 23.29 -6.95
C ALA A 217 -11.63 22.68 -8.23
N GLY A 218 -10.81 21.84 -8.86
CA GLY A 218 -11.16 21.13 -10.09
C GLY A 218 -12.18 20.05 -9.80
N LEU A 219 -11.93 19.23 -8.75
CA LEU A 219 -12.86 18.18 -8.32
C LEU A 219 -14.20 18.76 -7.92
N PHE A 220 -14.19 19.91 -7.19
CA PHE A 220 -15.42 20.58 -6.74
C PHE A 220 -16.22 21.14 -7.91
N MET A 221 -15.56 21.88 -8.82
CA MET A 221 -16.17 22.45 -10.02
C MET A 221 -16.89 21.39 -10.86
N ASN A 222 -16.37 20.15 -10.88
CA ASN A 222 -16.91 18.98 -11.59
C ASN A 222 -18.32 18.60 -11.13
N ALA A 223 -18.60 18.74 -9.83
CA ALA A 223 -19.90 18.42 -9.22
C ALA A 223 -21.08 19.25 -9.77
N TYR A 224 -20.81 20.16 -10.72
CA TYR A 224 -21.81 21.03 -11.36
C TYR A 224 -21.75 20.93 -12.89
N GLY A 225 -20.99 19.94 -13.39
CA GLY A 225 -20.85 19.68 -14.82
C GLY A 225 -19.54 20.18 -15.40
N LEU A 226 -18.57 19.27 -15.58
CA LEU A 226 -17.25 19.55 -16.17
C LEU A 226 -16.61 18.28 -16.72
N ASP B 4 27.54 -23.06 -19.31
CA ASP B 4 26.45 -22.22 -18.82
C ASP B 4 25.10 -22.95 -18.94
N SER B 5 24.69 -23.63 -17.84
CA SER B 5 23.46 -24.42 -17.78
C SER B 5 22.27 -23.67 -17.17
N ILE B 6 21.08 -23.89 -17.74
CA ILE B 6 19.87 -23.20 -17.32
C ILE B 6 18.86 -24.21 -16.84
N ASP B 7 18.43 -24.08 -15.58
CA ASP B 7 17.41 -24.96 -15.01
C ASP B 7 16.09 -24.66 -15.68
N THR B 8 15.36 -25.69 -16.08
CA THR B 8 14.08 -25.47 -16.75
C THR B 8 13.02 -26.28 -16.02
N PRO B 9 12.48 -25.75 -14.90
CA PRO B 9 11.46 -26.49 -14.14
C PRO B 9 10.15 -26.67 -14.93
N ASN B 10 9.55 -27.86 -14.79
CA ASN B 10 8.29 -28.17 -15.46
C ASN B 10 7.09 -27.92 -14.50
N TYR B 11 5.86 -28.16 -14.99
CA TYR B 11 4.64 -27.94 -14.20
C TYR B 11 4.62 -28.70 -12.88
N ASP B 12 5.27 -29.89 -12.85
CA ASP B 12 5.32 -30.77 -11.67
C ASP B 12 6.00 -30.17 -10.43
N VAL B 13 6.87 -29.14 -10.57
CA VAL B 13 7.56 -28.56 -9.39
C VAL B 13 7.06 -27.14 -9.06
N GLN B 14 5.97 -26.74 -9.71
CA GLN B 14 5.32 -25.45 -9.52
C GLN B 14 4.90 -25.23 -8.05
N LYS B 15 4.25 -26.23 -7.45
CA LYS B 15 3.77 -26.12 -6.06
C LYS B 15 4.97 -25.99 -5.10
N HIS B 16 6.06 -26.74 -5.36
CA HIS B 16 7.27 -26.66 -4.54
C HIS B 16 7.92 -25.27 -4.63
N ILE B 17 8.03 -24.71 -5.82
CA ILE B 17 8.63 -23.38 -6.00
C ILE B 17 7.76 -22.32 -5.36
N ASN B 18 6.42 -22.49 -5.47
CA ASN B 18 5.47 -21.57 -4.85
C ASN B 18 5.73 -21.47 -3.33
N LYS B 19 5.88 -22.62 -2.66
CA LYS B 19 6.15 -22.84 -1.23
C LYS B 19 7.52 -22.23 -0.79
N LEU B 20 8.54 -22.33 -1.68
CA LEU B 20 9.86 -21.75 -1.46
C LEU B 20 9.73 -20.21 -1.44
N CYS B 21 8.91 -19.65 -2.37
CA CYS B 21 8.66 -18.21 -2.36
C CYS B 21 7.98 -17.82 -1.01
N GLY B 22 6.99 -18.61 -0.61
CA GLY B 22 6.23 -18.36 0.64
C GLY B 22 7.08 -18.45 1.90
N MET B 23 8.05 -19.37 1.89
CA MET B 23 8.98 -19.51 3.01
C MET B 23 9.81 -18.22 3.20
N LEU B 24 10.23 -17.60 2.09
CA LEU B 24 10.97 -16.34 2.15
C LEU B 24 10.05 -15.19 2.64
N LEU B 25 8.80 -15.16 2.14
CA LEU B 25 7.81 -14.14 2.48
C LEU B 25 7.43 -14.13 3.93
N ILE B 26 7.43 -15.32 4.61
CA ILE B 26 7.09 -15.34 6.03
C ILE B 26 8.35 -15.05 6.91
N THR B 27 9.59 -15.09 6.33
CA THR B 27 10.82 -14.89 7.13
C THR B 27 11.07 -13.44 7.50
N GLU B 28 11.15 -13.16 8.81
CA GLU B 28 11.47 -11.83 9.34
C GLU B 28 12.90 -11.54 8.93
N ASP B 29 13.15 -10.35 8.34
CA ASP B 29 14.50 -9.92 7.92
C ASP B 29 15.16 -11.01 7.04
N ALA B 30 14.38 -11.57 6.10
CA ALA B 30 14.79 -12.61 5.17
C ALA B 30 15.95 -12.14 4.30
N ASN B 31 16.82 -13.07 3.91
CA ASN B 31 17.94 -12.80 3.01
C ASN B 31 17.39 -13.05 1.60
N HIS B 32 17.22 -11.95 0.85
CA HIS B 32 16.63 -11.99 -0.47
C HIS B 32 17.62 -12.10 -1.62
N LYS B 33 18.86 -12.51 -1.32
CA LYS B 33 19.93 -12.71 -2.31
C LYS B 33 19.52 -13.63 -3.49
N PHE B 34 18.68 -14.64 -3.21
CA PHE B 34 18.26 -15.63 -4.22
C PHE B 34 16.81 -15.50 -4.71
N THR B 35 16.08 -14.48 -4.24
CA THR B 35 14.67 -14.29 -4.54
C THR B 35 14.42 -14.01 -6.04
N GLY B 36 15.31 -13.25 -6.67
CA GLY B 36 15.22 -12.96 -8.10
C GLY B 36 15.22 -14.25 -8.91
N LEU B 37 16.14 -15.18 -8.57
CA LEU B 37 16.30 -16.49 -9.22
C LEU B 37 15.08 -17.35 -8.98
N ILE B 38 14.69 -17.48 -7.69
CA ILE B 38 13.55 -18.27 -7.26
C ILE B 38 12.24 -17.80 -7.95
N GLY B 39 12.04 -16.48 -8.03
CA GLY B 39 10.88 -15.92 -8.71
C GLY B 39 10.87 -16.30 -10.17
N MET B 40 12.04 -16.27 -10.82
CA MET B 40 12.21 -16.66 -12.22
C MET B 40 11.99 -18.13 -12.47
N LEU B 41 12.39 -18.96 -11.49
CA LEU B 41 12.16 -20.40 -11.54
C LEU B 41 10.62 -20.65 -11.46
N TYR B 42 9.92 -19.90 -10.58
CA TYR B 42 8.46 -20.00 -10.51
C TYR B 42 7.80 -19.67 -11.86
N ALA B 43 8.23 -18.56 -12.50
CA ALA B 43 7.68 -18.13 -13.80
C ALA B 43 7.87 -19.22 -14.87
N MET B 44 9.07 -19.85 -14.89
CA MET B 44 9.41 -20.96 -15.80
C MET B 44 8.54 -22.20 -15.54
N SER B 45 8.26 -22.53 -14.25
CA SER B 45 7.42 -23.68 -13.90
CA SER B 45 7.39 -23.65 -13.85
C SER B 45 5.95 -23.43 -14.31
N ARG B 46 5.54 -22.14 -14.40
CA ARG B 46 4.19 -21.74 -14.83
C ARG B 46 4.11 -21.82 -16.38
N LEU B 47 5.23 -21.51 -17.06
CA LEU B 47 5.28 -21.59 -18.53
C LEU B 47 5.40 -23.05 -18.93
N GLY B 48 6.07 -23.84 -18.09
CA GLY B 48 6.38 -25.24 -18.33
C GLY B 48 7.72 -25.34 -19.05
N ARG B 49 8.43 -26.47 -18.93
CA ARG B 49 9.74 -26.72 -19.56
C ARG B 49 9.76 -26.51 -21.09
N GLU B 50 8.80 -27.12 -21.82
CA GLU B 50 8.71 -27.02 -23.28
C GLU B 50 8.65 -25.59 -23.80
N ASP B 51 7.72 -24.78 -23.28
CA ASP B 51 7.56 -23.37 -23.67
C ASP B 51 8.76 -22.54 -23.27
N THR B 52 9.34 -22.81 -22.06
CA THR B 52 10.56 -22.13 -21.60
C THR B 52 11.71 -22.33 -22.61
N ILE B 53 12.03 -23.59 -22.96
CA ILE B 53 13.10 -23.93 -23.92
C ILE B 53 12.85 -23.27 -25.29
N LYS B 54 11.59 -23.24 -25.73
CA LYS B 54 11.14 -22.62 -26.99
C LYS B 54 11.43 -21.11 -26.98
N ILE B 55 11.07 -20.41 -25.87
CA ILE B 55 11.27 -18.96 -25.72
C ILE B 55 12.77 -18.65 -25.79
N LEU B 56 13.57 -19.44 -25.02
CA LEU B 56 15.01 -19.28 -24.92
C LEU B 56 15.72 -19.49 -26.26
N ARG B 57 15.40 -20.58 -26.98
CA ARG B 57 15.95 -20.91 -28.30
C ARG B 57 15.53 -19.91 -29.37
N ASP B 58 14.26 -19.46 -29.36
CA ASP B 58 13.72 -18.46 -30.29
C ASP B 58 14.36 -17.08 -30.06
N ALA B 59 14.82 -16.81 -28.82
CA ALA B 59 15.48 -15.56 -28.45
C ALA B 59 16.99 -15.58 -28.72
N GLY B 60 17.46 -16.63 -29.40
CA GLY B 60 18.85 -16.76 -29.81
C GLY B 60 19.80 -17.37 -28.79
N TYR B 61 19.31 -17.63 -27.58
CA TYR B 61 20.14 -18.24 -26.54
C TYR B 61 20.24 -19.74 -26.81
N HIS B 62 21.43 -20.32 -26.68
CA HIS B 62 21.61 -21.76 -26.88
C HIS B 62 21.70 -22.38 -25.50
N VAL B 63 20.59 -23.02 -25.09
CA VAL B 63 20.39 -23.53 -23.74
C VAL B 63 20.63 -25.03 -23.56
N LYS B 64 21.37 -25.34 -22.48
CA LYS B 64 21.67 -26.67 -21.98
C LYS B 64 20.65 -26.86 -20.84
N ALA B 65 19.53 -27.54 -21.14
CA ALA B 65 18.43 -27.75 -20.20
C ALA B 65 18.73 -28.75 -19.09
N ASN B 66 18.55 -28.29 -17.84
CA ASN B 66 18.72 -29.12 -16.65
C ASN B 66 17.32 -29.45 -16.09
N GLY B 67 17.02 -30.75 -16.05
CA GLY B 67 15.77 -31.27 -15.50
C GLY B 67 15.68 -31.00 -14.02
N VAL B 68 14.51 -30.54 -13.56
CA VAL B 68 14.32 -30.19 -12.16
C VAL B 68 13.39 -31.20 -11.46
N ASP B 69 13.95 -31.96 -10.51
CA ASP B 69 13.18 -32.94 -9.75
CA ASP B 69 13.20 -32.95 -9.75
C ASP B 69 13.28 -32.68 -8.26
N VAL B 70 12.34 -33.22 -7.48
CA VAL B 70 12.29 -33.08 -6.03
C VAL B 70 13.00 -34.28 -5.42
N THR B 71 13.99 -34.01 -4.54
CA THR B 71 14.72 -35.06 -3.82
C THR B 71 14.63 -34.83 -2.32
N THR B 72 14.77 -35.90 -1.52
CA THR B 72 14.77 -35.83 -0.06
C THR B 72 16.23 -35.83 0.35
N HIS B 73 16.65 -34.76 1.02
CA HIS B 73 18.01 -34.65 1.49
C HIS B 73 18.08 -34.74 3.00
N ARG B 74 18.83 -35.74 3.49
CA ARG B 74 19.04 -36.00 4.91
C ARG B 74 20.29 -35.25 5.34
N GLN B 75 20.15 -34.42 6.40
CA GLN B 75 21.23 -33.58 6.94
C GLN B 75 21.08 -33.43 8.48
N ASP B 76 22.22 -33.24 9.17
CA ASP B 76 22.30 -33.06 10.62
C ASP B 76 22.25 -31.58 11.02
N ILE B 77 21.25 -31.20 11.83
CA ILE B 77 21.09 -29.84 12.37
C ILE B 77 20.90 -29.93 13.89
N ASN B 78 21.90 -29.42 14.66
CA ASN B 78 21.99 -29.41 16.13
C ASN B 78 22.02 -30.84 16.73
N GLY B 79 22.78 -31.72 16.08
CA GLY B 79 22.97 -33.10 16.53
C GLY B 79 21.99 -34.13 16.01
N LYS B 80 20.77 -33.70 15.62
CA LYS B 80 19.70 -34.56 15.11
C LYS B 80 19.54 -34.51 13.59
N GLU B 81 19.42 -35.70 12.95
CA GLU B 81 19.23 -35.83 11.51
C GLU B 81 17.82 -35.37 11.12
N MET B 82 17.74 -34.55 10.09
CA MET B 82 16.47 -34.01 9.59
C MET B 82 16.30 -34.27 8.10
N LYS B 83 15.04 -34.50 7.67
CA LYS B 83 14.66 -34.76 6.27
C LYS B 83 14.13 -33.50 5.62
N PHE B 84 14.68 -33.13 4.45
CA PHE B 84 14.26 -31.94 3.72
C PHE B 84 13.94 -32.24 2.28
N GLU B 85 12.84 -31.65 1.78
CA GLU B 85 12.41 -31.75 0.37
CA GLU B 85 12.44 -31.77 0.37
C GLU B 85 13.11 -30.62 -0.37
N VAL B 86 13.99 -30.94 -1.34
CA VAL B 86 14.74 -29.93 -2.13
C VAL B 86 14.63 -30.16 -3.63
N LEU B 87 14.95 -29.14 -4.44
CA LEU B 87 14.96 -29.27 -5.89
C LEU B 87 16.37 -29.44 -6.43
N THR B 88 16.52 -30.25 -7.49
CA THR B 88 17.82 -30.43 -8.15
C THR B 88 18.01 -29.23 -9.11
N LEU B 89 18.73 -28.19 -8.64
CA LEU B 89 18.93 -26.93 -9.37
C LEU B 89 20.40 -26.60 -9.43
N ALA B 90 20.97 -26.51 -10.66
CA ALA B 90 22.37 -26.15 -10.83
C ALA B 90 22.62 -24.71 -10.35
N SER B 91 21.58 -23.88 -10.37
CA SER B 91 21.64 -22.48 -9.99
C SER B 91 21.41 -22.21 -8.48
N LEU B 92 20.90 -23.20 -7.73
CA LEU B 92 20.60 -23.05 -6.29
C LEU B 92 20.95 -24.29 -5.49
N THR B 93 22.03 -24.23 -4.68
CA THR B 93 22.51 -25.36 -3.86
C THR B 93 21.49 -25.91 -2.86
N THR B 94 21.65 -27.19 -2.47
CA THR B 94 20.83 -27.88 -1.49
C THR B 94 20.91 -27.12 -0.14
N GLU B 95 22.14 -26.68 0.24
CA GLU B 95 22.47 -25.91 1.45
C GLU B 95 21.63 -24.64 1.55
N ILE B 96 21.60 -23.82 0.49
CA ILE B 96 20.82 -22.57 0.45
C ILE B 96 19.33 -22.83 0.67
N GLN B 97 18.78 -23.83 -0.05
CA GLN B 97 17.38 -24.23 0.02
C GLN B 97 17.01 -24.66 1.43
N ILE B 98 17.85 -25.52 2.04
CA ILE B 98 17.61 -26.02 3.40
C ILE B 98 17.63 -24.88 4.44
N ASN B 99 18.57 -23.93 4.28
CA ASN B 99 18.69 -22.79 5.17
C ASN B 99 17.49 -21.85 5.04
N ILE B 100 16.90 -21.76 3.85
CA ILE B 100 15.67 -20.99 3.65
C ILE B 100 14.54 -21.66 4.48
N GLU B 101 14.41 -23.01 4.41
CA GLU B 101 13.39 -23.73 5.18
C GLU B 101 13.61 -23.58 6.70
N ILE B 102 14.87 -23.68 7.18
CA ILE B 102 15.22 -23.54 8.60
C ILE B 102 14.76 -22.16 9.14
N GLU B 103 15.23 -21.08 8.49
CA GLU B 103 14.90 -19.70 8.87
C GLU B 103 13.39 -19.43 8.83
N SER B 104 12.67 -19.98 7.82
CA SER B 104 11.23 -19.80 7.72
C SER B 104 10.47 -20.54 8.82
N ARG B 105 10.95 -21.74 9.24
CA ARG B 105 10.36 -22.50 10.33
C ARG B 105 10.49 -21.74 11.64
N LYS B 106 11.59 -20.98 11.83
CA LYS B 106 11.83 -20.15 13.02
C LYS B 106 10.78 -18.99 13.04
N SER B 107 10.53 -18.36 11.88
CA SER B 107 9.54 -17.28 11.77
C SER B 107 8.08 -17.79 11.93
N TYR B 108 7.79 -18.98 11.33
CA TYR B 108 6.50 -19.67 11.46
C TYR B 108 6.11 -19.88 12.91
N LYS B 109 7.02 -20.50 13.71
CA LYS B 109 6.81 -20.83 15.13
C LYS B 109 6.58 -19.59 15.97
N LYS B 110 7.30 -18.49 15.67
CA LYS B 110 7.18 -17.18 16.34
C LYS B 110 5.76 -16.65 16.11
N MET B 111 5.23 -16.83 14.87
CA MET B 111 3.88 -16.43 14.44
C MET B 111 2.81 -17.30 15.11
N LEU B 112 2.96 -18.65 15.07
CA LEU B 112 2.04 -19.61 15.68
C LEU B 112 1.89 -19.41 17.20
N LYS B 113 2.96 -18.92 17.89
CA LYS B 113 2.94 -18.63 19.34
C LYS B 113 2.11 -17.37 19.60
N GLU B 114 2.43 -16.26 18.88
CA GLU B 114 1.76 -14.95 18.99
C GLU B 114 0.27 -15.06 18.69
N MET B 115 -0.07 -15.64 17.52
CA MET B 115 -1.43 -15.91 17.06
C MET B 115 -1.83 -17.26 17.63
N GLY B 116 -3.13 -17.57 17.58
CA GLY B 116 -3.63 -18.85 18.08
C GLY B 116 -3.27 -19.94 17.11
N GLU B 117 -3.62 -19.71 15.84
CA GLU B 117 -3.38 -20.57 14.70
C GLU B 117 -3.04 -19.63 13.56
N VAL B 118 -2.09 -20.01 12.69
CA VAL B 118 -1.71 -19.21 11.51
C VAL B 118 -2.81 -19.34 10.44
N ALA B 119 -3.41 -18.22 10.07
CA ALA B 119 -4.49 -18.16 9.07
C ALA B 119 -3.94 -18.53 7.68
N PRO B 120 -4.78 -19.12 6.77
CA PRO B 120 -4.26 -19.56 5.46
C PRO B 120 -3.44 -18.52 4.68
N GLU B 121 -3.90 -17.26 4.69
CA GLU B 121 -3.30 -16.15 3.95
C GLU B 121 -1.95 -15.67 4.56
N TYR B 122 -1.59 -16.16 5.75
CA TYR B 122 -0.33 -15.80 6.43
C TYR B 122 0.70 -16.92 6.36
N ARG B 123 0.33 -18.06 5.76
CA ARG B 123 1.20 -19.23 5.64
C ARG B 123 2.12 -19.15 4.43
N HIS B 124 3.23 -19.92 4.49
CA HIS B 124 4.27 -20.09 3.49
C HIS B 124 3.76 -20.88 2.28
N ASP B 125 2.63 -21.59 2.39
CA ASP B 125 2.08 -22.38 1.28
C ASP B 125 0.78 -21.78 0.64
N SER B 126 0.47 -20.49 0.92
CA SER B 126 -0.68 -19.85 0.29
C SER B 126 -0.46 -19.93 -1.23
N PRO B 127 -1.50 -20.35 -2.01
CA PRO B 127 -1.30 -20.49 -3.47
C PRO B 127 -0.83 -19.25 -4.20
N ASP B 128 -0.96 -18.05 -3.61
CA ASP B 128 -0.54 -16.82 -4.32
C ASP B 128 0.90 -16.31 -4.01
N CYS B 129 1.72 -17.09 -3.28
CA CYS B 129 3.09 -16.66 -2.84
C CYS B 129 4.09 -16.39 -3.98
N GLY B 130 4.17 -17.28 -4.96
CA GLY B 130 5.00 -17.07 -6.14
C GLY B 130 4.62 -15.78 -6.89
N MET B 131 3.31 -15.53 -7.04
CA MET B 131 2.84 -14.32 -7.73
C MET B 131 3.14 -13.03 -6.97
N ILE B 132 3.16 -13.09 -5.65
CA ILE B 132 3.49 -11.90 -4.85
C ILE B 132 4.97 -11.48 -5.16
N ILE B 133 5.86 -12.46 -5.25
CA ILE B 133 7.26 -12.25 -5.61
C ILE B 133 7.36 -11.71 -7.05
N LEU B 134 6.58 -12.27 -7.99
CA LEU B 134 6.60 -11.80 -9.37
C LEU B 134 6.03 -10.36 -9.55
N CYS B 135 5.24 -9.87 -8.57
CA CYS B 135 4.74 -8.48 -8.58
C CYS B 135 5.89 -7.49 -8.46
N ILE B 136 6.90 -7.80 -7.65
CA ILE B 136 8.08 -6.96 -7.54
C ILE B 136 8.85 -7.00 -8.90
N ALA B 137 9.01 -8.21 -9.51
CA ALA B 137 9.64 -8.38 -10.83
C ALA B 137 8.97 -7.47 -11.87
N ALA B 138 7.62 -7.40 -11.84
CA ALA B 138 6.85 -6.54 -12.73
C ALA B 138 7.20 -5.05 -12.54
N LEU B 139 7.50 -4.64 -11.31
CA LEU B 139 7.85 -3.23 -11.02
C LEU B 139 9.27 -2.90 -11.54
N VAL B 140 10.23 -3.81 -11.32
CA VAL B 140 11.62 -3.70 -11.78
C VAL B 140 11.70 -3.64 -13.33
N ILE B 141 10.91 -4.49 -14.01
CA ILE B 141 10.86 -4.57 -15.48
C ILE B 141 10.46 -3.23 -16.08
N THR B 142 9.53 -2.52 -15.42
CA THR B 142 9.07 -1.19 -15.80
C THR B 142 10.24 -0.21 -15.79
N LYS B 143 11.07 -0.24 -14.73
CA LYS B 143 12.20 0.67 -14.59
C LYS B 143 13.50 0.14 -15.20
N LEU B 144 13.42 -0.92 -16.00
CA LEU B 144 14.58 -1.50 -16.63
C LEU B 144 15.08 -0.74 -17.85
N ALA B 145 14.16 -0.09 -18.57
CA ALA B 145 14.44 0.72 -19.77
C ALA B 145 15.59 1.74 -19.53
N ALA B 146 15.68 2.29 -18.29
CA ALA B 146 16.69 3.26 -17.84
C ALA B 146 18.15 2.82 -18.07
N GLY B 147 18.42 1.53 -17.85
CA GLY B 147 19.75 0.96 -18.02
C GLY B 147 20.57 0.87 -16.74
N ASP B 148 20.06 1.49 -15.65
CA ASP B 148 20.70 1.48 -14.33
C ASP B 148 19.74 1.03 -13.23
N ARG B 149 20.07 1.34 -11.97
CA ARG B 149 19.25 1.01 -10.79
C ARG B 149 18.66 2.27 -10.18
N SER B 150 18.61 3.39 -10.94
CA SER B 150 18.06 4.69 -10.52
C SER B 150 16.57 4.62 -10.16
N GLY B 151 15.84 3.74 -10.87
CA GLY B 151 14.41 3.49 -10.70
C GLY B 151 14.01 2.72 -9.46
N LEU B 152 15.00 2.19 -8.68
CA LEU B 152 14.77 1.42 -7.45
C LEU B 152 13.91 2.16 -6.39
N THR B 153 14.22 3.46 -6.10
CA THR B 153 13.41 4.20 -5.12
C THR B 153 11.93 4.32 -5.56
N ALA B 154 11.68 4.56 -6.86
CA ALA B 154 10.34 4.60 -7.45
C ALA B 154 9.69 3.21 -7.35
N VAL B 155 10.50 2.13 -7.41
CA VAL B 155 9.98 0.76 -7.33
C VAL B 155 9.39 0.54 -5.92
N ILE B 156 10.15 0.95 -4.88
CA ILE B 156 9.78 0.86 -3.46
C ILE B 156 8.50 1.66 -3.20
N ARG B 157 8.46 2.94 -3.65
CA ARG B 157 7.30 3.83 -3.50
C ARG B 157 6.06 3.23 -4.17
N ARG B 158 6.21 2.62 -5.36
CA ARG B 158 5.09 1.99 -6.05
C ARG B 158 4.67 0.67 -5.38
N ALA B 159 5.64 -0.11 -4.86
CA ALA B 159 5.36 -1.38 -4.18
C ALA B 159 4.60 -1.13 -2.89
N ASN B 160 5.10 -0.18 -2.05
CA ASN B 160 4.49 0.14 -0.77
C ASN B 160 3.00 0.48 -0.89
N ASN B 161 2.59 1.08 -2.04
CA ASN B 161 1.19 1.43 -2.31
C ASN B 161 0.40 0.24 -2.84
N VAL B 162 0.81 -0.32 -4.01
CA VAL B 162 0.10 -1.43 -4.66
C VAL B 162 0.12 -2.73 -3.85
N LEU B 163 1.18 -3.00 -3.08
CA LEU B 163 1.26 -4.25 -2.31
C LEU B 163 1.12 -4.07 -0.78
N LYS B 164 0.32 -3.09 -0.33
CA LYS B 164 0.12 -2.82 1.09
C LYS B 164 -0.59 -3.98 1.82
N ASN B 165 -1.57 -4.66 1.17
CA ASN B 165 -2.24 -5.80 1.83
C ASN B 165 -1.30 -6.98 1.95
N GLU B 166 -0.48 -7.18 0.93
CA GLU B 166 0.48 -8.28 0.84
C GLU B 166 1.65 -8.12 1.85
N MET B 167 2.12 -6.87 2.02
CA MET B 167 3.15 -6.50 3.01
C MET B 167 2.62 -6.71 4.43
N LYS B 168 1.30 -6.51 4.64
CA LYS B 168 0.64 -6.71 5.94
C LYS B 168 0.59 -8.23 6.27
N ARG B 169 0.41 -9.06 5.22
CA ARG B 169 0.38 -10.51 5.36
C ARG B 169 1.77 -11.09 5.55
N TYR B 170 2.82 -10.49 4.93
CA TYR B 170 4.16 -11.07 4.94
C TYR B 170 5.30 -10.14 5.41
N LYS B 171 5.89 -10.50 6.56
CA LYS B 171 7.03 -9.78 7.17
C LYS B 171 8.28 -9.74 6.26
N GLY B 172 8.47 -10.79 5.45
CA GLY B 172 9.58 -10.92 4.50
C GLY B 172 9.37 -10.23 3.17
N LEU B 173 8.23 -9.54 2.99
CA LEU B 173 7.97 -8.82 1.76
C LEU B 173 8.65 -7.44 1.94
N LEU B 174 9.96 -7.41 1.59
CA LEU B 174 10.81 -6.23 1.72
C LEU B 174 11.11 -5.77 0.31
N PRO B 175 10.33 -4.78 -0.20
CA PRO B 175 10.48 -4.35 -1.62
C PRO B 175 11.89 -3.97 -2.06
N LYS B 176 12.66 -3.24 -1.20
CA LYS B 176 14.03 -2.82 -1.50
C LYS B 176 14.92 -4.04 -1.84
N ASP B 177 14.95 -5.03 -0.93
CA ASP B 177 15.77 -6.24 -1.08
C ASP B 177 15.33 -7.09 -2.26
N ILE B 178 13.99 -7.24 -2.45
CA ILE B 178 13.47 -8.06 -3.54
C ILE B 178 13.75 -7.39 -4.88
N ALA B 179 13.53 -6.06 -5.00
CA ALA B 179 13.81 -5.30 -6.23
C ALA B 179 15.28 -5.38 -6.58
N ASN B 180 16.18 -5.26 -5.58
CA ASN B 180 17.62 -5.40 -5.77
C ASN B 180 17.96 -6.80 -6.32
N SER B 181 17.34 -7.86 -5.75
CA SER B 181 17.53 -9.22 -6.24
C SER B 181 17.06 -9.43 -7.70
N PHE B 182 15.94 -8.82 -8.11
CA PHE B 182 15.51 -8.95 -9.51
C PHE B 182 16.41 -8.15 -10.47
N TYR B 183 16.84 -6.94 -10.05
CA TYR B 183 17.76 -6.09 -10.83
C TYR B 183 19.00 -6.92 -11.11
N GLU B 184 19.54 -7.53 -10.04
CA GLU B 184 20.72 -8.38 -10.11
C GLU B 184 20.52 -9.55 -11.10
N VAL B 185 19.42 -10.33 -11.00
CA VAL B 185 19.22 -11.45 -11.92
C VAL B 185 18.98 -11.02 -13.37
N PHE B 186 18.26 -9.88 -13.62
CA PHE B 186 18.04 -9.45 -15.00
C PHE B 186 19.32 -8.91 -15.68
N GLU B 187 20.24 -8.31 -14.90
CA GLU B 187 21.50 -7.83 -15.45
C GLU B 187 22.49 -8.98 -15.62
N LYS B 188 22.53 -9.90 -14.64
CA LYS B 188 23.43 -11.06 -14.69
C LYS B 188 22.95 -12.12 -15.72
N HIS B 189 21.63 -12.36 -15.81
CA HIS B 189 21.02 -13.33 -16.73
C HIS B 189 19.94 -12.69 -17.62
N PRO B 190 20.34 -11.88 -18.63
CA PRO B 190 19.34 -11.21 -19.49
C PRO B 190 18.31 -12.10 -20.18
N HIS B 191 18.59 -13.41 -20.33
CA HIS B 191 17.61 -14.34 -20.90
C HIS B 191 16.34 -14.45 -20.02
N PHE B 192 16.44 -14.09 -18.72
CA PHE B 192 15.28 -14.06 -17.81
C PHE B 192 14.29 -12.96 -18.14
N ILE B 193 14.77 -11.90 -18.80
CA ILE B 193 13.91 -10.80 -19.24
C ILE B 193 12.89 -11.36 -20.25
N ASP B 194 13.38 -12.10 -21.26
CA ASP B 194 12.53 -12.73 -22.29
C ASP B 194 11.52 -13.70 -21.65
N VAL B 195 11.97 -14.52 -20.69
CA VAL B 195 11.11 -15.47 -20.00
C VAL B 195 10.01 -14.73 -19.22
N PHE B 196 10.38 -13.68 -18.47
CA PHE B 196 9.43 -12.90 -17.70
C PHE B 196 8.37 -12.24 -18.60
N VAL B 197 8.81 -11.62 -19.69
CA VAL B 197 7.90 -10.92 -20.59
C VAL B 197 6.86 -11.88 -21.20
N HIS B 198 7.31 -13.09 -21.64
CA HIS B 198 6.41 -14.12 -22.19
C HIS B 198 5.50 -14.65 -21.10
N PHE B 199 6.02 -14.83 -19.86
CA PHE B 199 5.20 -15.26 -18.75
C PHE B 199 4.07 -14.24 -18.52
N GLY B 200 4.44 -12.95 -18.45
CA GLY B 200 3.55 -11.84 -18.17
C GLY B 200 2.43 -11.73 -19.19
N ILE B 201 2.78 -11.87 -20.48
CA ILE B 201 1.80 -11.81 -21.58
C ILE B 201 0.78 -12.97 -21.44
N ALA B 202 1.24 -14.18 -21.18
CA ALA B 202 0.39 -15.33 -21.01
C ALA B 202 -0.46 -15.28 -19.72
N GLN B 203 0.12 -14.85 -18.58
CA GLN B 203 -0.61 -14.73 -17.29
C GLN B 203 -1.78 -13.73 -17.40
N SER B 204 -1.53 -12.59 -18.02
CA SER B 204 -2.43 -11.45 -18.07
C SER B 204 -3.61 -11.70 -19.00
N SER B 205 -3.64 -12.89 -19.62
CA SER B 205 -4.72 -13.37 -20.47
C SER B 205 -5.75 -14.07 -19.57
N THR B 206 -5.27 -14.84 -18.57
CA THR B 206 -6.13 -15.58 -17.63
C THR B 206 -6.93 -14.66 -16.69
N ARG B 207 -8.17 -15.08 -16.38
CA ARG B 207 -9.07 -14.38 -15.44
C ARG B 207 -9.56 -15.34 -14.34
N GLY B 208 -9.24 -15.04 -13.08
CA GLY B 208 -9.59 -15.85 -11.91
C GLY B 208 -9.89 -15.06 -10.64
N GLY B 209 -10.13 -15.77 -9.56
CA GLY B 209 -10.49 -15.16 -8.30
C GLY B 209 -9.37 -14.61 -7.43
N SER B 210 -8.11 -14.86 -7.78
CA SER B 210 -6.99 -14.43 -6.97
C SER B 210 -6.71 -12.94 -7.04
N ARG B 211 -6.66 -12.30 -5.85
CA ARG B 211 -6.35 -10.88 -5.71
C ARG B 211 -4.97 -10.54 -6.33
N VAL B 212 -3.96 -11.30 -5.97
CA VAL B 212 -2.58 -11.10 -6.41
C VAL B 212 -2.44 -11.32 -7.91
N GLU B 213 -3.15 -12.31 -8.49
CA GLU B 213 -3.08 -12.51 -9.95
C GLU B 213 -3.61 -11.25 -10.66
N GLY B 214 -4.63 -10.62 -10.08
CA GLY B 214 -5.20 -9.38 -10.62
C GLY B 214 -4.23 -8.21 -10.51
N ILE B 215 -3.57 -8.11 -9.35
CA ILE B 215 -2.58 -7.05 -9.10
C ILE B 215 -1.40 -7.19 -10.10
N PHE B 216 -0.89 -8.43 -10.25
CA PHE B 216 0.19 -8.70 -11.20
C PHE B 216 -0.20 -8.24 -12.59
N ALA B 217 -1.40 -8.62 -13.06
CA ALA B 217 -1.87 -8.27 -14.40
C ALA B 217 -1.87 -6.74 -14.62
N GLY B 218 -2.35 -5.96 -13.65
CA GLY B 218 -2.37 -4.50 -13.75
C GLY B 218 -0.97 -3.92 -13.78
N LEU B 219 -0.08 -4.42 -12.92
CA LEU B 219 1.34 -4.02 -12.87
C LEU B 219 2.10 -4.27 -14.18
N PHE B 220 1.93 -5.49 -14.74
CA PHE B 220 2.57 -5.90 -16.00
C PHE B 220 2.08 -5.05 -17.18
N MET B 221 0.73 -4.88 -17.32
CA MET B 221 0.09 -4.09 -18.38
C MET B 221 0.66 -2.68 -18.45
N ASN B 222 0.95 -2.08 -17.27
CA ASN B 222 1.59 -0.78 -17.10
C ASN B 222 0.85 0.37 -17.87
N ALA B 223 -0.51 0.33 -17.87
CA ALA B 223 -1.30 1.35 -18.56
C ALA B 223 -1.05 2.77 -18.00
N TYR B 224 -1.05 2.94 -16.65
CA TYR B 224 -0.86 4.24 -15.98
C TYR B 224 0.57 4.80 -16.16
N GLY B 225 1.55 3.88 -16.21
CA GLY B 225 2.96 4.19 -16.44
C GLY B 225 3.20 4.71 -17.85
N LEU B 226 2.55 4.08 -18.84
CA LEU B 226 2.62 4.52 -20.24
C LEU B 226 1.82 5.82 -20.41
N GLU B 227 0.75 5.99 -19.60
CA GLU B 227 -0.12 7.19 -19.56
C GLU B 227 0.65 8.39 -19.00
N HIS B 228 1.39 8.18 -17.89
CA HIS B 228 2.21 9.18 -17.22
C HIS B 228 3.68 8.82 -17.52
N HIS B 229 4.05 9.02 -18.79
CA HIS B 229 5.36 8.70 -19.36
C HIS B 229 6.31 9.91 -19.30
N HIS B 230 5.72 11.10 -19.18
CA HIS B 230 6.42 12.36 -19.04
C HIS B 230 6.95 12.40 -17.60
N HIS B 231 6.08 11.96 -16.65
CA HIS B 231 6.26 11.95 -15.21
C HIS B 231 7.47 11.13 -14.74
O3 ZKW C . 9.45 11.82 17.67
C11 ZKW C . 8.49 12.01 16.88
O2 ZKW C . 7.46 11.29 16.80
C7 ZKW C . 8.61 13.23 15.96
C8 ZKW C . 9.64 14.14 15.96
C9 ZKW C . 9.34 15.05 14.95
C10 ZKW C . 10.22 16.24 14.52
O1 ZKW C . 9.64 17.18 13.91
O ZKW C . 11.44 16.19 14.79
N1 ZKW C . 8.18 14.74 14.34
N ZKW C . 7.74 13.61 14.98
C6 ZKW C . 6.45 13.04 14.59
C2 ZKW C . 5.27 13.64 15.30
C1 ZKW C . 5.41 14.73 16.16
C3 ZKW C . 3.99 13.13 15.14
CL1 ZKW C . 3.71 11.82 14.05
C4 ZKW C . 2.90 13.64 15.81
C5 ZKW C . 3.08 14.74 16.64
CL ZKW C . 1.70 15.44 17.44
C ZKW C . 4.33 15.29 16.82
H8 ZKW C . 10.52 14.14 16.62
H61C ZKW C . 6.30 13.20 13.52
H62C ZKW C . 6.46 11.96 14.73
HA ZKW C . 6.39 15.19 16.36
H ZKW C . 4.45 16.16 17.47
H4 ZKW C . 1.92 13.17 15.70
O3 ZKW D . 6.27 -27.20 12.45
C11 ZKW D . 6.31 -26.41 11.47
O2 ZKW D . 7.29 -25.70 11.15
C7 ZKW D . 5.02 -26.34 10.63
C8 ZKW D . 3.86 -27.06 10.82
C9 ZKW D . 2.99 -26.66 9.83
C10 ZKW D . 1.54 -27.15 9.63
O1 ZKW D . 1.04 -27.01 8.48
O ZKW D . 0.98 -27.66 10.62
N1 ZKW D . 3.53 -25.73 9.03
N ZKW D . 4.80 -25.55 9.54
C6 ZKW D . 5.69 -24.62 8.85
C2 ZKW D . 6.50 -25.23 7.74
C1 ZKW D . 6.30 -26.56 7.33
C3 ZKW D . 7.46 -24.50 7.04
CL1 ZKW D . 7.66 -22.81 7.38
C4 ZKW D . 8.22 -25.04 6.03
C5 ZKW D . 7.98 -26.35 5.66
CL ZKW D . 8.91 -27.04 4.35
C ZKW D . 7.03 -27.11 6.30
H8 ZKW D . 3.70 -27.81 11.60
H61C ZKW D . 5.09 -23.80 8.43
H62C ZKW D . 6.36 -24.15 9.56
HA ZKW D . 5.55 -27.19 7.80
H ZKW D . 6.86 -28.14 5.98
H4 ZKW D . 9.01 -24.45 5.56
#